data_1JLK
#
_entry.id   1JLK
#
_cell.length_a   40.511
_cell.length_b   78.561
_cell.length_c   43.710
_cell.angle_alpha   90.00
_cell.angle_beta   107.68
_cell.angle_gamma   90.00
#
_symmetry.space_group_name_H-M   'P 1 21 1'
#
loop_
_entity.id
_entity.type
_entity.pdbx_description
1 polymer 'Response regulator RCP1'
2 non-polymer 'SULFATE ION'
3 non-polymer 'MANGANESE (II) ION'
4 water water
#
_entity_poly.entity_id   1
_entity_poly.type   'polypeptide(L)'
_entity_poly.pdbx_seq_one_letter_code
;MSDESNPPKVILLVEDSKADSRLVQEVLKTSTIDHELIILRDGLAAMAFLQQQGEYENSPRPNLILLDLNLPKKDGREVL
AEIKQNPDLKRIPVVVLTTSHNEDDVIASYELHVNCYLTKSRNLKDLFKMVQGIESFWLETVTLPAA
;
_entity_poly.pdbx_strand_id   A,B
#
# COMPACT_ATOMS: atom_id res chain seq x y z
N ASN A 6 -15.96 -7.69 15.53
CA ASN A 6 -14.63 -8.19 15.07
C ASN A 6 -14.77 -9.24 13.96
N PRO A 7 -15.18 -8.81 12.76
CA PRO A 7 -15.35 -9.72 11.61
C PRO A 7 -14.03 -10.27 11.09
N PRO A 8 -14.02 -11.55 10.67
CA PRO A 8 -12.80 -12.17 10.15
C PRO A 8 -12.25 -11.41 8.95
N LYS A 9 -10.92 -11.36 8.85
CA LYS A 9 -10.25 -10.69 7.74
C LYS A 9 -10.24 -11.67 6.57
N VAL A 10 -10.75 -11.25 5.42
CA VAL A 10 -10.77 -12.14 4.26
C VAL A 10 -9.65 -11.82 3.28
N ILE A 11 -8.84 -12.82 3.01
CA ILE A 11 -7.71 -12.65 2.12
C ILE A 11 -7.82 -13.50 0.87
N LEU A 12 -7.67 -12.86 -0.28
CA LEU A 12 -7.73 -13.56 -1.53
C LEU A 12 -6.33 -13.72 -2.09
N LEU A 13 -5.90 -14.96 -2.22
CA LEU A 13 -4.58 -15.24 -2.74
C LEU A 13 -4.75 -15.84 -4.14
N VAL A 14 -4.40 -15.07 -5.16
CA VAL A 14 -4.49 -15.54 -6.53
C VAL A 14 -3.07 -15.93 -6.92
N GLU A 15 -2.77 -17.21 -6.84
CA GLU A 15 -1.43 -17.71 -7.13
C GLU A 15 -1.45 -19.11 -7.76
N ASP A 16 -0.79 -19.27 -8.90
CA ASP A 16 -0.75 -20.56 -9.59
C ASP A 16 0.30 -21.55 -9.08
N SER A 17 1.33 -21.07 -8.40
CA SER A 17 2.35 -21.96 -7.87
C SER A 17 1.86 -22.54 -6.56
N LYS A 18 1.63 -23.84 -6.52
CA LYS A 18 1.16 -24.49 -5.29
C LYS A 18 2.17 -24.26 -4.16
N ALA A 19 3.44 -24.26 -4.51
CA ALA A 19 4.50 -24.03 -3.54
C ALA A 19 4.30 -22.66 -2.89
N ASP A 20 4.52 -21.59 -3.66
CA ASP A 20 4.34 -20.23 -3.15
C ASP A 20 2.99 -20.15 -2.44
N SER A 21 2.01 -20.82 -3.03
CA SER A 21 0.67 -20.87 -2.47
C SER A 21 0.78 -21.40 -1.05
N ARG A 22 1.46 -22.54 -0.90
CA ARG A 22 1.65 -23.18 0.40
C ARG A 22 2.35 -22.26 1.40
N LEU A 23 3.51 -21.73 1.02
CA LEU A 23 4.28 -20.83 1.90
C LEU A 23 3.39 -19.76 2.53
N VAL A 24 2.46 -19.24 1.74
CA VAL A 24 1.54 -18.23 2.24
C VAL A 24 0.62 -18.81 3.31
N GLN A 25 0.23 -20.07 3.15
CA GLN A 25 -0.64 -20.71 4.12
C GLN A 25 0.12 -20.93 5.43
N GLU A 26 1.34 -21.46 5.34
CA GLU A 26 2.14 -21.68 6.54
C GLU A 26 2.31 -20.37 7.31
N VAL A 27 2.78 -19.33 6.60
CA VAL A 27 2.99 -18.01 7.21
C VAL A 27 1.77 -17.54 7.99
N LEU A 28 0.62 -17.52 7.30
CA LEU A 28 -0.62 -17.07 7.93
C LEU A 28 -1.11 -18.02 9.01
N LYS A 29 -0.64 -19.26 9.00
CA LYS A 29 -1.06 -20.25 9.98
C LYS A 29 -0.54 -19.97 11.39
N THR A 30 0.43 -19.05 11.50
CA THR A 30 1.03 -18.69 12.78
C THR A 30 0.62 -17.28 13.21
N SER A 31 -0.51 -16.82 12.69
CA SER A 31 -1.02 -15.49 13.01
C SER A 31 -2.10 -15.61 14.07
N THR A 32 -2.29 -14.56 14.85
CA THR A 32 -3.31 -14.57 15.89
C THR A 32 -4.50 -13.78 15.37
N ILE A 33 -4.39 -13.31 14.14
CA ILE A 33 -5.45 -12.53 13.50
C ILE A 33 -6.54 -13.45 12.97
N ASP A 34 -7.79 -13.07 13.24
CA ASP A 34 -8.97 -13.79 12.80
C ASP A 34 -9.11 -13.52 11.30
N HIS A 35 -8.95 -14.56 10.49
CA HIS A 35 -9.01 -14.37 9.04
C HIS A 35 -9.39 -15.64 8.28
N GLU A 36 -9.66 -15.46 6.99
CA GLU A 36 -10.03 -16.54 6.09
C GLU A 36 -9.23 -16.33 4.80
N LEU A 37 -8.35 -17.28 4.48
CA LEU A 37 -7.54 -17.20 3.27
C LEU A 37 -8.20 -18.00 2.15
N ILE A 38 -8.55 -17.33 1.06
CA ILE A 38 -9.16 -17.99 -0.08
C ILE A 38 -8.14 -17.96 -1.22
N ILE A 39 -7.73 -19.14 -1.66
CA ILE A 39 -6.73 -19.28 -2.71
C ILE A 39 -7.34 -19.66 -4.08
N LEU A 40 -6.93 -18.93 -5.11
CA LEU A 40 -7.38 -19.16 -6.47
C LEU A 40 -6.15 -19.40 -7.36
N ARG A 41 -6.30 -20.29 -8.34
CA ARG A 41 -5.21 -20.67 -9.25
C ARG A 41 -5.02 -19.96 -10.58
N ASP A 42 -5.91 -19.03 -10.93
CA ASP A 42 -5.71 -18.33 -12.20
C ASP A 42 -6.50 -17.04 -12.23
N GLY A 43 -6.26 -16.24 -13.26
CA GLY A 43 -6.92 -14.94 -13.39
C GLY A 43 -8.40 -14.95 -13.72
N LEU A 44 -8.85 -15.94 -14.48
CA LEU A 44 -10.27 -16.00 -14.83
C LEU A 44 -11.02 -16.28 -13.54
N ALA A 45 -10.59 -17.32 -12.84
CA ALA A 45 -11.19 -17.70 -11.56
C ALA A 45 -11.24 -16.52 -10.61
N ALA A 46 -10.20 -15.70 -10.62
CA ALA A 46 -10.14 -14.53 -9.73
C ALA A 46 -11.28 -13.53 -10.01
N MET A 47 -11.53 -13.20 -11.27
CA MET A 47 -12.60 -12.27 -11.62
C MET A 47 -13.97 -12.88 -11.34
N ALA A 48 -14.08 -14.21 -11.48
CA ALA A 48 -15.35 -14.89 -11.25
C ALA A 48 -15.74 -14.78 -9.79
N PHE A 49 -14.77 -15.07 -8.92
CA PHE A 49 -14.99 -15.00 -7.48
C PHE A 49 -15.38 -13.57 -7.12
N LEU A 50 -14.55 -12.63 -7.57
CA LEU A 50 -14.76 -11.22 -7.29
C LEU A 50 -16.08 -10.67 -7.82
N GLN A 51 -16.59 -11.24 -8.90
CA GLN A 51 -17.86 -10.81 -9.47
C GLN A 51 -18.97 -11.75 -8.98
N GLN A 52 -18.65 -12.53 -7.96
CA GLN A 52 -19.57 -13.47 -7.32
C GLN A 52 -20.52 -14.21 -8.25
N GLN A 53 -19.99 -14.91 -9.24
CA GLN A 53 -20.86 -15.64 -10.14
C GLN A 53 -20.61 -17.13 -10.05
N GLY A 54 -21.65 -17.92 -10.33
CA GLY A 54 -21.53 -19.36 -10.30
C GLY A 54 -21.23 -19.88 -8.90
N GLU A 55 -20.28 -20.80 -8.81
CA GLU A 55 -19.89 -21.38 -7.52
C GLU A 55 -19.52 -20.30 -6.51
N TYR A 56 -19.14 -19.13 -7.02
CA TYR A 56 -18.71 -18.01 -6.19
C TYR A 56 -19.82 -17.04 -5.82
N GLU A 57 -21.06 -17.49 -5.95
CA GLU A 57 -22.20 -16.64 -5.60
C GLU A 57 -22.08 -16.35 -4.10
N ASN A 58 -22.40 -15.11 -3.73
CA ASN A 58 -22.32 -14.64 -2.34
C ASN A 58 -20.91 -14.77 -1.73
N SER A 59 -19.90 -14.83 -2.60
CA SER A 59 -18.50 -14.92 -2.16
C SER A 59 -18.19 -13.80 -1.19
N PRO A 60 -17.39 -14.08 -0.15
CA PRO A 60 -17.05 -13.06 0.84
C PRO A 60 -16.18 -11.95 0.23
N ARG A 61 -16.52 -10.71 0.56
CA ARG A 61 -15.76 -9.58 0.04
C ARG A 61 -14.37 -9.59 0.70
N PRO A 62 -13.31 -9.69 -0.11
CA PRO A 62 -11.96 -9.70 0.44
C PRO A 62 -11.53 -8.34 0.99
N ASN A 63 -10.76 -8.34 2.07
CA ASN A 63 -10.27 -7.09 2.68
C ASN A 63 -8.87 -6.81 2.12
N LEU A 64 -8.25 -7.84 1.57
CA LEU A 64 -6.92 -7.74 1.00
C LEU A 64 -6.80 -8.77 -0.10
N ILE A 65 -6.11 -8.39 -1.17
CA ILE A 65 -5.90 -9.27 -2.29
C ILE A 65 -4.43 -9.37 -2.65
N LEU A 66 -3.89 -10.59 -2.59
CA LEU A 66 -2.50 -10.86 -2.93
C LEU A 66 -2.57 -11.43 -4.36
N LEU A 67 -2.03 -10.68 -5.31
CA LEU A 67 -2.10 -11.07 -6.70
C LEU A 67 -0.78 -11.36 -7.38
N ASP A 68 -0.65 -12.57 -7.94
CA ASP A 68 0.54 -12.93 -8.70
C ASP A 68 0.17 -12.48 -10.11
N LEU A 69 1.12 -11.91 -10.84
CA LEU A 69 0.81 -11.42 -12.18
C LEU A 69 0.81 -12.45 -13.32
N ASN A 70 1.84 -13.28 -13.35
CA ASN A 70 1.97 -14.29 -14.41
C ASN A 70 1.07 -15.49 -14.08
N LEU A 71 -0.21 -15.36 -14.42
CA LEU A 71 -1.21 -16.39 -14.17
C LEU A 71 -1.82 -16.94 -15.46
N PRO A 72 -2.35 -18.17 -15.42
CA PRO A 72 -2.96 -18.73 -16.63
C PRO A 72 -4.37 -18.16 -16.82
N LYS A 73 -4.92 -18.40 -18.00
CA LYS A 73 -6.27 -17.97 -18.39
C LYS A 73 -6.52 -16.46 -18.43
N LYS A 74 -5.97 -15.72 -17.48
CA LYS A 74 -6.12 -14.27 -17.48
C LYS A 74 -4.97 -13.61 -16.74
N ASP A 75 -4.35 -12.67 -17.43
CA ASP A 75 -3.21 -11.92 -16.90
C ASP A 75 -3.53 -11.23 -15.58
N GLY A 76 -2.63 -11.35 -14.62
CA GLY A 76 -2.84 -10.71 -13.34
C GLY A 76 -2.85 -9.21 -13.53
N ARG A 77 -2.21 -8.75 -14.59
CA ARG A 77 -2.17 -7.32 -14.88
C ARG A 77 -3.55 -6.85 -15.27
N GLU A 78 -4.25 -7.66 -16.07
CA GLU A 78 -5.62 -7.35 -16.48
C GLU A 78 -6.52 -7.39 -15.26
N VAL A 79 -6.30 -8.35 -14.37
CA VAL A 79 -7.12 -8.46 -13.16
C VAL A 79 -6.98 -7.19 -12.33
N LEU A 80 -5.76 -6.69 -12.17
CA LEU A 80 -5.52 -5.47 -11.42
C LEU A 80 -6.24 -4.31 -12.12
N ALA A 81 -6.10 -4.28 -13.44
CA ALA A 81 -6.72 -3.25 -14.26
C ALA A 81 -8.22 -3.16 -14.04
N GLU A 82 -8.90 -4.30 -14.14
CA GLU A 82 -10.34 -4.31 -13.96
C GLU A 82 -10.79 -4.05 -12.52
N ILE A 83 -10.05 -4.59 -11.56
CA ILE A 83 -10.34 -4.40 -10.12
C ILE A 83 -10.32 -2.93 -9.72
N LYS A 84 -9.32 -2.20 -10.20
CA LYS A 84 -9.20 -0.79 -9.84
C LYS A 84 -10.07 0.14 -10.64
N GLN A 85 -10.81 -0.40 -11.62
CA GLN A 85 -11.72 0.40 -12.42
C GLN A 85 -13.16 0.09 -12.02
N ASN A 86 -13.34 -0.99 -11.27
CA ASN A 86 -14.64 -1.44 -10.78
C ASN A 86 -14.98 -0.54 -9.57
N PRO A 87 -16.05 0.29 -9.68
CA PRO A 87 -16.43 1.18 -8.57
C PRO A 87 -16.69 0.42 -7.29
N ASP A 88 -17.07 -0.84 -7.44
CA ASP A 88 -17.37 -1.71 -6.31
C ASP A 88 -16.13 -2.33 -5.67
N LEU A 89 -15.14 -2.69 -6.48
CA LEU A 89 -13.92 -3.32 -5.99
C LEU A 89 -12.74 -2.38 -5.76
N LYS A 90 -12.80 -1.24 -6.44
CA LYS A 90 -11.80 -0.18 -6.42
C LYS A 90 -10.96 0.02 -5.14
N ARG A 91 -11.64 0.20 -4.02
CA ARG A 91 -10.99 0.46 -2.74
C ARG A 91 -10.26 -0.71 -2.06
N ILE A 92 -10.62 -1.94 -2.42
CA ILE A 92 -9.96 -3.12 -1.83
C ILE A 92 -8.47 -3.08 -2.14
N PRO A 93 -7.61 -2.98 -1.10
CA PRO A 93 -6.16 -2.95 -1.35
C PRO A 93 -5.69 -4.17 -2.13
N VAL A 94 -4.81 -3.95 -3.11
CA VAL A 94 -4.27 -5.03 -3.90
C VAL A 94 -2.77 -5.08 -3.76
N VAL A 95 -2.27 -6.21 -3.27
CA VAL A 95 -0.84 -6.34 -3.09
C VAL A 95 -0.28 -7.26 -4.15
N VAL A 96 0.38 -6.70 -5.15
CA VAL A 96 0.97 -7.53 -6.17
C VAL A 96 2.14 -8.27 -5.52
N LEU A 97 2.18 -9.57 -5.71
CA LEU A 97 3.26 -10.39 -5.15
C LEU A 97 3.60 -11.38 -6.24
N THR A 98 4.56 -11.01 -7.08
CA THR A 98 4.92 -11.86 -8.20
C THR A 98 6.40 -12.12 -8.33
N THR A 99 6.76 -12.94 -9.30
CA THR A 99 8.15 -13.30 -9.53
C THR A 99 8.98 -12.19 -10.20
N SER A 100 8.48 -11.64 -11.30
CA SER A 100 9.22 -10.60 -12.04
C SER A 100 9.44 -9.28 -11.30
N HIS A 101 10.48 -8.56 -11.69
CA HIS A 101 10.79 -7.26 -11.11
C HIS A 101 11.20 -6.30 -12.23
N ASN A 102 10.61 -6.52 -13.40
CA ASN A 102 10.87 -5.70 -14.58
C ASN A 102 10.35 -4.29 -14.36
N GLU A 103 11.23 -3.32 -14.51
CA GLU A 103 10.85 -1.92 -14.33
C GLU A 103 9.57 -1.62 -15.09
N ASP A 104 9.34 -2.35 -16.17
CA ASP A 104 8.16 -2.16 -16.99
C ASP A 104 6.91 -2.64 -16.27
N ASP A 105 6.98 -3.84 -15.69
CA ASP A 105 5.84 -4.40 -14.96
C ASP A 105 5.58 -3.60 -13.70
N VAL A 106 6.65 -3.19 -13.03
CA VAL A 106 6.52 -2.42 -11.81
C VAL A 106 5.76 -1.14 -12.08
N ILE A 107 6.26 -0.35 -13.02
CA ILE A 107 5.64 0.92 -13.35
C ILE A 107 4.22 0.75 -13.90
N ALA A 108 4.01 -0.30 -14.70
CA ALA A 108 2.69 -0.56 -15.25
C ALA A 108 1.72 -0.81 -14.10
N SER A 109 2.08 -1.70 -13.17
CA SER A 109 1.23 -2.00 -12.03
C SER A 109 0.90 -0.78 -11.20
N TYR A 110 1.86 0.14 -11.07
CA TYR A 110 1.60 1.34 -10.31
C TYR A 110 0.67 2.26 -11.07
N GLU A 111 0.89 2.39 -12.37
CA GLU A 111 0.04 3.26 -13.18
C GLU A 111 -1.39 2.71 -13.17
N LEU A 112 -1.53 1.39 -12.96
CA LEU A 112 -2.85 0.75 -12.89
C LEU A 112 -3.45 0.84 -11.49
N HIS A 113 -2.80 1.60 -10.61
CA HIS A 113 -3.28 1.80 -9.24
C HIS A 113 -3.11 0.64 -8.26
N VAL A 114 -2.03 -0.11 -8.38
CA VAL A 114 -1.78 -1.20 -7.44
C VAL A 114 -1.36 -0.47 -6.14
N ASN A 115 -1.71 -1.02 -4.98
CA ASN A 115 -1.37 -0.37 -3.73
C ASN A 115 0.13 -0.46 -3.48
N CYS A 116 0.70 -1.63 -3.73
CA CYS A 116 2.14 -1.81 -3.61
C CYS A 116 2.54 -3.00 -4.45
N TYR A 117 3.80 -3.02 -4.86
CA TYR A 117 4.31 -4.12 -5.69
C TYR A 117 5.42 -4.82 -4.90
N LEU A 118 5.34 -6.15 -4.82
CA LEU A 118 6.34 -6.94 -4.11
C LEU A 118 6.91 -8.01 -5.02
N THR A 119 8.23 -8.11 -5.03
CA THR A 119 8.89 -9.11 -5.85
C THR A 119 9.27 -10.28 -4.97
N LYS A 120 8.75 -11.46 -5.31
CA LYS A 120 9.06 -12.66 -4.53
C LYS A 120 10.56 -12.86 -4.47
N SER A 121 11.12 -12.90 -3.27
CA SER A 121 12.56 -13.09 -3.10
C SER A 121 12.95 -14.48 -3.61
N ARG A 122 14.11 -14.57 -4.25
CA ARG A 122 14.59 -15.84 -4.74
C ARG A 122 15.07 -16.68 -3.55
N ASN A 123 15.06 -16.06 -2.37
CA ASN A 123 15.50 -16.73 -1.17
C ASN A 123 14.38 -17.14 -0.22
N LEU A 124 13.98 -18.40 -0.33
CA LEU A 124 12.95 -19.01 0.51
C LEU A 124 12.71 -18.26 1.83
N LYS A 125 13.77 -18.12 2.62
CA LYS A 125 13.69 -17.44 3.92
C LYS A 125 13.18 -16.00 3.82
N ASP A 126 13.87 -15.20 3.03
CA ASP A 126 13.50 -13.79 2.86
C ASP A 126 12.06 -13.62 2.39
N LEU A 127 11.49 -14.67 1.82
CA LEU A 127 10.11 -14.61 1.33
C LEU A 127 9.13 -14.80 2.48
N PHE A 128 9.52 -15.63 3.45
CA PHE A 128 8.68 -15.87 4.62
C PHE A 128 8.51 -14.54 5.33
N LYS A 129 9.63 -13.87 5.53
CA LYS A 129 9.67 -12.57 6.18
C LYS A 129 8.74 -11.64 5.40
N MET A 130 8.90 -11.62 4.08
CA MET A 130 8.08 -10.76 3.21
C MET A 130 6.60 -11.04 3.50
N VAL A 131 6.19 -12.29 3.36
CA VAL A 131 4.79 -12.61 3.61
C VAL A 131 4.37 -12.20 5.03
N GLN A 132 5.29 -12.34 5.98
CA GLN A 132 5.03 -11.96 7.38
C GLN A 132 4.73 -10.48 7.47
N GLY A 133 5.46 -9.69 6.67
CA GLY A 133 5.26 -8.25 6.67
C GLY A 133 3.89 -7.87 6.18
N ILE A 134 3.44 -8.51 5.09
CA ILE A 134 2.13 -8.25 4.52
C ILE A 134 1.05 -8.46 5.58
N GLU A 135 1.12 -9.61 6.24
CA GLU A 135 0.16 -9.97 7.29
C GLU A 135 0.22 -8.91 8.37
N SER A 136 1.41 -8.65 8.87
CA SER A 136 1.63 -7.65 9.89
C SER A 136 1.11 -6.26 9.50
N PHE A 137 1.67 -5.70 8.42
CA PHE A 137 1.27 -4.38 7.99
C PHE A 137 -0.19 -4.23 7.57
N TRP A 138 -0.62 -5.01 6.59
CA TRP A 138 -1.99 -4.90 6.08
C TRP A 138 -3.14 -5.41 6.95
N LEU A 139 -2.89 -6.42 7.77
CA LEU A 139 -3.96 -6.95 8.62
C LEU A 139 -3.97 -6.48 10.07
N GLU A 140 -2.89 -5.85 10.51
CA GLU A 140 -2.83 -5.39 11.90
C GLU A 140 -2.61 -3.88 12.03
N THR A 141 -1.65 -3.35 11.28
CA THR A 141 -1.31 -1.93 11.36
C THR A 141 -2.22 -1.01 10.55
N VAL A 142 -2.49 -1.38 9.30
CA VAL A 142 -3.30 -0.59 8.41
C VAL A 142 -4.77 -0.47 8.80
N THR A 143 -5.37 0.68 8.50
CA THR A 143 -6.78 0.92 8.74
C THR A 143 -7.44 0.58 7.40
N LEU A 144 -8.06 -0.60 7.30
CA LEU A 144 -8.69 -1.02 6.06
C LEU A 144 -10.05 -0.38 5.86
N PRO A 145 -10.48 -0.22 4.59
CA PRO A 145 -11.77 0.39 4.32
C PRO A 145 -12.94 -0.59 4.31
N ALA A 146 -14.10 -0.10 4.75
CA ALA A 146 -15.31 -0.90 4.76
C ALA A 146 -15.73 -1.12 3.30
N PRO B 8 19.49 6.40 -3.67
CA PRO B 8 18.69 6.30 -2.42
C PRO B 8 17.25 6.79 -2.60
N LYS B 9 16.33 6.11 -1.93
CA LYS B 9 14.91 6.43 -2.00
C LYS B 9 14.61 7.77 -1.33
N VAL B 10 13.92 8.65 -2.04
CA VAL B 10 13.56 9.95 -1.48
C VAL B 10 12.18 9.88 -0.84
N ILE B 11 12.15 10.05 0.48
CA ILE B 11 10.89 10.00 1.20
C ILE B 11 10.45 11.39 1.53
N LEU B 12 9.18 11.69 1.23
CA LEU B 12 8.62 13.00 1.51
C LEU B 12 7.61 12.85 2.63
N LEU B 13 7.77 13.65 3.66
CA LEU B 13 6.85 13.62 4.77
C LEU B 13 6.26 15.00 4.84
N VAL B 14 4.94 15.07 4.94
CA VAL B 14 4.26 16.35 5.08
C VAL B 14 3.58 16.26 6.44
N GLU B 15 4.21 16.86 7.44
CA GLU B 15 3.70 16.80 8.81
C GLU B 15 3.96 18.12 9.54
N ASP B 16 2.92 18.70 10.11
CA ASP B 16 3.06 19.97 10.83
C ASP B 16 3.39 19.72 12.29
N SER B 17 3.17 18.50 12.76
CA SER B 17 3.50 18.19 14.15
C SER B 17 4.98 17.86 14.24
N LYS B 18 5.70 18.60 15.07
CA LYS B 18 7.13 18.38 15.23
C LYS B 18 7.41 17.10 16.01
N ALA B 19 6.61 16.86 17.04
CA ALA B 19 6.75 15.65 17.85
C ALA B 19 6.63 14.42 16.95
N ASP B 20 5.65 14.46 16.04
CA ASP B 20 5.42 13.35 15.13
C ASP B 20 6.51 13.19 14.08
N SER B 21 6.90 14.29 13.43
CA SER B 21 7.94 14.22 12.41
C SER B 21 9.28 13.85 13.06
N ARG B 22 9.42 14.15 14.35
CA ARG B 22 10.65 13.80 15.05
C ARG B 22 10.73 12.29 15.23
N LEU B 23 9.58 11.70 15.53
CA LEU B 23 9.49 10.26 15.72
C LEU B 23 9.71 9.54 14.38
N VAL B 24 9.20 10.13 13.29
CA VAL B 24 9.39 9.56 11.97
C VAL B 24 10.87 9.58 11.61
N GLN B 25 11.54 10.71 11.86
CA GLN B 25 12.97 10.85 11.59
C GLN B 25 13.77 9.82 12.41
N GLU B 26 13.35 9.60 13.65
CA GLU B 26 14.05 8.66 14.52
C GLU B 26 13.89 7.22 14.03
N VAL B 27 12.72 6.85 13.54
CA VAL B 27 12.52 5.50 13.02
C VAL B 27 13.34 5.27 11.76
N LEU B 28 13.33 6.25 10.87
CA LEU B 28 14.07 6.14 9.60
C LEU B 28 15.56 6.33 9.77
N LYS B 29 15.95 6.93 10.90
CA LYS B 29 17.36 7.19 11.21
C LYS B 29 18.13 5.90 11.49
N THR B 30 17.43 4.83 11.80
CA THR B 30 18.09 3.57 12.10
C THR B 30 17.78 2.49 11.07
N SER B 31 17.37 2.93 9.87
CA SER B 31 17.04 2.02 8.78
C SER B 31 18.30 1.55 8.04
N THR B 32 18.32 0.28 7.65
CA THR B 32 19.46 -0.28 6.94
C THR B 32 19.38 0.05 5.44
N ILE B 33 18.22 0.53 5.01
CA ILE B 33 18.03 0.88 3.62
C ILE B 33 18.39 2.35 3.48
N ASP B 34 19.22 2.69 2.49
CA ASP B 34 19.64 4.07 2.27
C ASP B 34 18.46 4.90 1.78
N HIS B 35 18.42 6.18 2.14
CA HIS B 35 17.32 7.04 1.72
C HIS B 35 17.48 8.45 2.25
N GLU B 36 16.75 9.38 1.65
CA GLU B 36 16.77 10.77 2.06
C GLU B 36 15.35 11.17 2.49
N LEU B 37 15.24 11.87 3.61
CA LEU B 37 13.93 12.29 4.10
C LEU B 37 13.80 13.80 4.03
N ILE B 38 12.80 14.27 3.28
CA ILE B 38 12.54 15.69 3.15
C ILE B 38 11.24 15.93 3.90
N ILE B 39 11.28 16.83 4.87
CA ILE B 39 10.09 17.14 5.65
C ILE B 39 9.54 18.51 5.31
N LEU B 40 8.23 18.58 5.08
CA LEU B 40 7.56 19.83 4.77
C LEU B 40 6.42 19.95 5.80
N ARG B 41 6.05 21.17 6.17
CA ARG B 41 5.05 21.42 7.21
C ARG B 41 3.62 21.82 6.85
N ASP B 42 3.34 22.07 5.58
CA ASP B 42 1.98 22.45 5.21
C ASP B 42 1.64 21.98 3.79
N GLY B 43 0.36 22.03 3.45
CA GLY B 43 -0.07 21.57 2.13
C GLY B 43 0.45 22.40 0.96
N LEU B 44 0.68 23.68 1.20
CA LEU B 44 1.17 24.55 0.13
C LEU B 44 2.61 24.17 -0.19
N ALA B 45 3.41 24.00 0.84
CA ALA B 45 4.80 23.62 0.66
C ALA B 45 4.85 22.29 -0.10
N ALA B 46 4.07 21.32 0.36
CA ALA B 46 4.02 20.01 -0.29
C ALA B 46 3.66 20.10 -1.78
N MET B 47 2.66 20.91 -2.12
CA MET B 47 2.25 21.06 -3.52
C MET B 47 3.34 21.79 -4.35
N ALA B 48 3.85 22.91 -3.83
CA ALA B 48 4.90 23.65 -4.51
C ALA B 48 6.05 22.69 -4.82
N PHE B 49 6.42 21.90 -3.82
CA PHE B 49 7.50 20.93 -3.94
C PHE B 49 7.26 19.85 -5.01
N LEU B 50 6.10 19.19 -4.92
CA LEU B 50 5.73 18.13 -5.86
C LEU B 50 5.60 18.63 -7.28
N GLN B 51 5.13 19.85 -7.44
CA GLN B 51 4.99 20.46 -8.76
C GLN B 51 6.34 21.12 -9.09
N GLN B 52 7.34 20.81 -8.27
CA GLN B 52 8.71 21.32 -8.43
C GLN B 52 8.77 22.77 -8.91
N GLN B 53 8.00 23.65 -8.27
CA GLN B 53 7.94 25.06 -8.65
C GLN B 53 8.89 25.98 -7.88
N GLY B 54 9.52 26.91 -8.62
CA GLY B 54 10.45 27.89 -8.07
C GLY B 54 11.10 27.58 -6.72
N GLU B 55 10.35 27.84 -5.66
CA GLU B 55 10.80 27.55 -4.31
C GLU B 55 11.47 26.17 -4.32
N TYR B 56 10.94 25.28 -5.17
CA TYR B 56 11.43 23.92 -5.29
C TYR B 56 11.53 23.39 -6.74
N GLU B 57 12.02 24.21 -7.66
CA GLU B 57 12.15 23.82 -9.08
C GLU B 57 13.08 22.65 -9.36
N ASN B 58 14.26 22.68 -8.76
CA ASN B 58 15.23 21.60 -8.95
C ASN B 58 14.98 20.48 -7.96
N SER B 59 13.94 20.63 -7.15
CA SER B 59 13.62 19.64 -6.13
C SER B 59 13.44 18.26 -6.70
N PRO B 60 13.94 17.24 -5.97
CA PRO B 60 13.85 15.85 -6.40
C PRO B 60 12.45 15.30 -6.14
N ARG B 61 11.99 14.42 -7.02
CA ARG B 61 10.68 13.82 -6.82
C ARG B 61 10.84 12.70 -5.80
N PRO B 62 9.80 12.44 -4.98
CA PRO B 62 9.81 11.40 -3.96
C PRO B 62 9.38 10.02 -4.48
N ASN B 63 9.98 8.97 -3.93
CA ASN B 63 9.61 7.62 -4.34
C ASN B 63 8.53 7.09 -3.40
N LEU B 64 8.31 7.80 -2.31
CA LEU B 64 7.31 7.44 -1.30
C LEU B 64 6.92 8.68 -0.54
N ILE B 65 5.60 8.88 -0.37
CA ILE B 65 5.07 10.05 0.35
C ILE B 65 4.27 9.64 1.58
N LEU B 66 4.60 10.22 2.74
CA LEU B 66 3.87 9.99 3.99
C LEU B 66 3.09 11.28 4.18
N LEU B 67 1.77 11.17 4.30
CA LEU B 67 0.93 12.35 4.39
C LEU B 67 -0.10 12.35 5.50
N ASP B 68 -0.23 13.48 6.21
CA ASP B 68 -1.23 13.61 7.25
C ASP B 68 -2.34 14.38 6.56
N LEU B 69 -3.59 13.95 6.75
CA LEU B 69 -4.71 14.65 6.12
C LEU B 69 -4.95 16.06 6.68
N ASN B 70 -4.68 16.27 7.96
CA ASN B 70 -4.90 17.59 8.56
C ASN B 70 -3.63 18.44 8.51
N LEU B 71 -3.63 19.40 7.58
CA LEU B 71 -2.48 20.28 7.38
C LEU B 71 -2.89 21.74 7.34
N PRO B 72 -1.98 22.65 7.73
CA PRO B 72 -2.26 24.09 7.71
C PRO B 72 -2.12 24.58 6.28
N LYS B 73 -2.74 25.71 5.96
CA LYS B 73 -2.67 26.31 4.63
C LYS B 73 -3.51 25.60 3.55
N LYS B 74 -3.25 24.32 3.33
CA LYS B 74 -4.02 23.56 2.35
C LYS B 74 -4.29 22.14 2.85
N ASP B 75 -5.56 21.82 2.96
CA ASP B 75 -6.03 20.52 3.43
C ASP B 75 -5.31 19.33 2.81
N GLY B 76 -4.91 18.38 3.67
CA GLY B 76 -4.22 17.20 3.19
C GLY B 76 -5.08 16.36 2.28
N ARG B 77 -6.39 16.44 2.46
CA ARG B 77 -7.32 15.68 1.65
C ARG B 77 -7.22 16.20 0.23
N GLU B 78 -6.90 17.48 0.12
CA GLU B 78 -6.75 18.15 -1.16
C GLU B 78 -5.42 17.75 -1.81
N VAL B 79 -4.38 17.64 -0.99
CA VAL B 79 -3.08 17.28 -1.50
C VAL B 79 -3.13 15.88 -2.08
N LEU B 80 -3.77 14.97 -1.35
CA LEU B 80 -3.89 13.59 -1.81
C LEU B 80 -4.64 13.51 -3.14
N ALA B 81 -5.70 14.30 -3.29
CA ALA B 81 -6.49 14.27 -4.50
C ALA B 81 -5.70 14.75 -5.70
N GLU B 82 -4.99 15.86 -5.54
CA GLU B 82 -4.22 16.41 -6.65
C GLU B 82 -3.02 15.54 -7.03
N ILE B 83 -2.44 14.85 -6.04
CA ILE B 83 -1.30 13.96 -6.30
C ILE B 83 -1.74 12.78 -7.17
N LYS B 84 -2.89 12.22 -6.80
CA LYS B 84 -3.43 11.05 -7.47
C LYS B 84 -4.30 11.34 -8.70
N GLN B 85 -4.53 12.62 -9.00
CA GLN B 85 -5.30 12.99 -10.19
C GLN B 85 -4.30 13.49 -11.23
N ASN B 86 -3.06 13.71 -10.78
CA ASN B 86 -1.97 14.21 -11.63
C ASN B 86 -1.21 13.02 -12.24
N PRO B 87 -1.14 12.95 -13.58
CA PRO B 87 -0.45 11.85 -14.29
C PRO B 87 1.04 11.71 -14.03
N ASP B 88 1.66 12.80 -13.56
CA ASP B 88 3.09 12.80 -13.28
C ASP B 88 3.41 12.33 -11.86
N LEU B 89 2.42 12.41 -10.97
CA LEU B 89 2.63 12.04 -9.57
C LEU B 89 1.77 10.90 -9.05
N LYS B 90 0.72 10.53 -9.79
CA LYS B 90 -0.19 9.49 -9.35
C LYS B 90 0.42 8.11 -9.10
N ARG B 91 1.58 7.85 -9.70
CA ARG B 91 2.27 6.57 -9.55
C ARG B 91 3.07 6.45 -8.25
N ILE B 92 3.34 7.58 -7.61
CA ILE B 92 4.11 7.58 -6.36
C ILE B 92 3.27 7.11 -5.18
N PRO B 93 3.66 5.99 -4.56
CA PRO B 93 2.87 5.53 -3.41
C PRO B 93 2.71 6.60 -2.33
N VAL B 94 1.49 6.76 -1.85
CA VAL B 94 1.22 7.73 -0.80
C VAL B 94 0.71 6.99 0.42
N VAL B 95 1.30 7.27 1.57
CA VAL B 95 0.87 6.63 2.80
C VAL B 95 0.26 7.67 3.72
N VAL B 96 -1.05 7.58 3.93
CA VAL B 96 -1.69 8.53 4.81
C VAL B 96 -1.50 8.05 6.24
N LEU B 97 -0.98 8.94 7.09
CA LEU B 97 -0.70 8.69 8.50
C LEU B 97 -1.31 9.92 9.18
N THR B 98 -2.48 9.77 9.76
CA THR B 98 -3.16 10.92 10.33
C THR B 98 -3.87 10.72 11.67
N THR B 99 -4.24 11.84 12.27
CA THR B 99 -4.95 11.86 13.54
C THR B 99 -6.45 11.63 13.33
N SER B 100 -6.92 11.85 12.11
CA SER B 100 -8.33 11.70 11.77
C SER B 100 -8.90 10.28 11.79
N HIS B 101 -9.78 10.00 12.76
CA HIS B 101 -10.43 8.68 12.88
C HIS B 101 -11.77 8.65 12.12
N ASN B 102 -12.15 9.76 11.52
CA ASN B 102 -13.40 9.88 10.79
C ASN B 102 -13.57 8.88 9.64
N GLU B 103 -14.69 8.16 9.66
CA GLU B 103 -15.03 7.14 8.67
C GLU B 103 -15.13 7.67 7.24
N ASP B 104 -15.65 8.88 7.08
CA ASP B 104 -15.76 9.46 5.75
C ASP B 104 -14.36 9.60 5.14
N ASP B 105 -13.40 10.09 5.92
CA ASP B 105 -12.04 10.26 5.44
C ASP B 105 -11.40 8.95 5.00
N VAL B 106 -11.58 7.88 5.79
CA VAL B 106 -11.00 6.60 5.42
C VAL B 106 -11.47 6.15 4.03
N ILE B 107 -12.79 6.11 3.86
CA ILE B 107 -13.38 5.69 2.59
C ILE B 107 -12.97 6.63 1.44
N ALA B 108 -13.28 7.91 1.57
CA ALA B 108 -12.92 8.88 0.55
C ALA B 108 -11.44 8.78 0.12
N SER B 109 -10.54 8.52 1.07
CA SER B 109 -9.12 8.44 0.72
C SER B 109 -8.80 7.22 -0.13
N TYR B 110 -9.38 6.07 0.22
CA TYR B 110 -9.11 4.86 -0.55
C TYR B 110 -9.75 4.98 -1.93
N GLU B 111 -10.90 5.65 -2.00
CA GLU B 111 -11.58 5.84 -3.27
C GLU B 111 -10.74 6.77 -4.14
N LEU B 112 -9.99 7.66 -3.50
CA LEU B 112 -9.10 8.60 -4.21
C LEU B 112 -7.84 7.88 -4.69
N HIS B 113 -7.67 6.63 -4.22
CA HIS B 113 -6.54 5.77 -4.57
C HIS B 113 -5.30 5.90 -3.67
N VAL B 114 -5.51 6.29 -2.41
CA VAL B 114 -4.40 6.37 -1.46
C VAL B 114 -3.92 4.91 -1.35
N ASN B 115 -2.63 4.68 -1.19
CA ASN B 115 -2.11 3.31 -1.10
C ASN B 115 -2.50 2.61 0.19
N CYS B 116 -2.48 3.35 1.29
CA CYS B 116 -2.89 2.79 2.57
C CYS B 116 -3.15 3.94 3.52
N TYR B 117 -4.02 3.71 4.49
CA TYR B 117 -4.39 4.74 5.43
C TYR B 117 -4.06 4.23 6.84
N LEU B 118 -3.31 5.03 7.58
CA LEU B 118 -2.91 4.68 8.95
C LEU B 118 -3.36 5.75 9.92
N THR B 119 -3.85 5.32 11.08
CA THR B 119 -4.29 6.23 12.12
C THR B 119 -3.29 6.30 13.26
N LYS B 120 -2.84 7.52 13.55
CA LYS B 120 -1.87 7.76 14.62
C LYS B 120 -2.36 7.32 15.98
N SER B 121 -1.62 6.42 16.60
CA SER B 121 -1.94 5.95 17.93
C SER B 121 -1.91 7.14 18.87
N ARG B 122 -2.69 7.03 19.94
CA ARG B 122 -2.75 8.09 20.92
C ARG B 122 -1.50 7.98 21.77
N ASN B 123 -1.05 6.75 21.98
CA ASN B 123 0.13 6.50 22.76
C ASN B 123 1.37 6.38 21.88
N LEU B 124 2.41 7.11 22.25
CA LEU B 124 3.67 7.14 21.53
C LEU B 124 4.24 5.75 21.24
N LYS B 125 4.24 4.89 22.25
CA LYS B 125 4.79 3.54 22.10
C LYS B 125 4.20 2.81 20.90
N ASP B 126 2.88 2.93 20.72
CA ASP B 126 2.25 2.28 19.59
C ASP B 126 2.57 3.02 18.30
N LEU B 127 2.57 4.35 18.33
CA LEU B 127 2.87 5.12 17.13
C LEU B 127 4.29 4.80 16.60
N PHE B 128 5.22 4.63 17.53
CA PHE B 128 6.60 4.31 17.20
C PHE B 128 6.62 2.94 16.51
N LYS B 129 5.76 2.04 16.99
CA LYS B 129 5.65 0.69 16.45
C LYS B 129 5.03 0.77 15.06
N MET B 130 4.02 1.61 14.91
CA MET B 130 3.32 1.79 13.63
C MET B 130 4.29 2.35 12.59
N VAL B 131 5.07 3.35 12.98
CA VAL B 131 6.03 3.95 12.06
C VAL B 131 7.13 2.94 11.70
N GLN B 132 7.52 2.10 12.65
CA GLN B 132 8.53 1.09 12.35
C GLN B 132 7.95 0.14 11.30
N GLY B 133 6.64 -0.11 11.39
CA GLY B 133 6.00 -1.00 10.44
C GLY B 133 6.00 -0.39 9.06
N ILE B 134 5.80 0.91 8.98
CA ILE B 134 5.80 1.58 7.68
C ILE B 134 7.19 1.43 7.08
N GLU B 135 8.21 1.70 7.88
CA GLU B 135 9.59 1.63 7.42
C GLU B 135 10.01 0.24 6.96
N SER B 136 9.64 -0.77 7.72
CA SER B 136 10.00 -2.14 7.38
C SER B 136 9.23 -2.64 6.17
N PHE B 137 8.04 -2.10 5.94
CA PHE B 137 7.28 -2.57 4.79
C PHE B 137 7.54 -1.75 3.53
N TRP B 138 7.33 -0.45 3.60
CA TRP B 138 7.55 0.37 2.42
C TRP B 138 8.99 0.59 2.01
N LEU B 139 9.93 0.57 2.95
CA LEU B 139 11.33 0.78 2.58
C LEU B 139 12.16 -0.49 2.39
N GLU B 140 11.70 -1.61 2.93
CA GLU B 140 12.45 -2.86 2.81
C GLU B 140 11.80 -3.92 1.94
N THR B 141 10.52 -4.17 2.14
CA THR B 141 9.84 -5.21 1.38
C THR B 141 9.28 -4.75 0.05
N VAL B 142 8.65 -3.58 0.05
CA VAL B 142 8.05 -3.02 -1.14
C VAL B 142 9.03 -2.54 -2.19
N THR B 143 8.76 -2.87 -3.45
CA THR B 143 9.59 -2.41 -4.54
C THR B 143 8.98 -1.09 -5.00
N LEU B 144 9.63 0.02 -4.67
CA LEU B 144 9.13 1.33 -5.04
C LEU B 144 9.30 1.58 -6.54
N PRO B 145 8.37 2.33 -7.13
CA PRO B 145 8.46 2.61 -8.56
C PRO B 145 9.60 3.56 -8.91
N ALA B 146 10.02 3.53 -10.17
CA ALA B 146 11.10 4.37 -10.66
C ALA B 146 10.50 5.60 -11.35
#